data_6WAX
#
_entry.id   6WAX
#
_cell.length_a   52.499
_cell.length_b   65.588
_cell.length_c   71.614
_cell.angle_alpha   90.000
_cell.angle_beta   90.000
_cell.angle_gamma   90.000
#
_symmetry.space_group_name_H-M   'P 21 21 21'
#
loop_
_entity.id
_entity.type
_entity.pdbx_description
1 polymer 'Ras GTPase-activating protein 1'
2 non-polymer 'SULFATE ION'
3 non-polymer 1,2-ETHANEDIOL
4 water water
#
_entity_poly.entity_id   1
_entity_poly.type   'polypeptide(L)'
_entity_poly.pdbx_seq_one_letter_code
;GSGREEDPHEGKIWFHGKISKQEAYNLLMTVGQVSSFLVRPSDNTPGDYSLYFRTNENIQRFKISPTPNNQFMMGGRYYN
SIGDIIDHYRKEQIVEGYYLKEPVPMQ
;
_entity_poly.pdbx_strand_id   A,B
#
loop_
_chem_comp.id
_chem_comp.type
_chem_comp.name
_chem_comp.formula
EDO non-polymer 1,2-ETHANEDIOL 'C2 H6 O2'
SO4 non-polymer 'SULFATE ION' 'O4 S -2'
#
# COMPACT_ATOMS: atom_id res chain seq x y z
N GLY A 3 30.06 -10.24 -10.48
CA GLY A 3 29.43 -9.43 -9.46
C GLY A 3 28.29 -10.12 -8.75
N ARG A 4 27.89 -9.54 -7.61
CA ARG A 4 26.83 -10.11 -6.79
C ARG A 4 25.46 -9.80 -7.37
N GLU A 5 24.65 -10.84 -7.56
CA GLU A 5 23.31 -10.63 -8.08
C GLU A 5 22.37 -10.17 -6.97
N GLU A 6 21.45 -9.28 -7.31
CA GLU A 6 20.48 -8.85 -6.31
C GLU A 6 19.25 -9.74 -6.37
N ASP A 7 18.47 -9.72 -5.30
CA ASP A 7 17.25 -10.51 -5.30
C ASP A 7 16.32 -10.00 -6.40
N PRO A 8 15.59 -10.90 -7.09
CA PRO A 8 14.67 -10.46 -8.16
C PRO A 8 13.66 -9.42 -7.71
N HIS A 9 13.34 -9.37 -6.41
CA HIS A 9 12.36 -8.44 -5.89
C HIS A 9 12.93 -7.09 -5.51
N GLU A 10 14.23 -6.88 -5.67
CA GLU A 10 14.78 -5.56 -5.35
C GLU A 10 14.09 -4.50 -6.20
N GLY A 11 13.74 -3.41 -5.55
CA GLY A 11 13.00 -2.34 -6.17
C GLY A 11 11.50 -2.43 -6.00
N LYS A 12 10.98 -3.55 -5.52
CA LYS A 12 9.56 -3.59 -5.17
C LYS A 12 9.41 -2.80 -3.87
N ILE A 13 8.33 -2.00 -3.80
CA ILE A 13 8.19 -1.05 -2.71
C ILE A 13 8.18 -1.75 -1.36
N TRP A 14 7.62 -2.95 -1.28
CA TRP A 14 7.49 -3.68 -0.04
C TRP A 14 8.67 -4.61 0.27
N PHE A 15 9.68 -4.67 -0.59
CA PHE A 15 10.75 -5.64 -0.41
C PHE A 15 11.97 -5.05 0.30
N HIS A 16 12.45 -5.75 1.32
CA HIS A 16 13.66 -5.35 2.05
C HIS A 16 14.68 -6.48 2.03
N GLY A 17 15.72 -6.30 1.22
CA GLY A 17 16.73 -7.33 1.04
C GLY A 17 17.87 -7.40 2.02
N LYS A 18 18.06 -6.39 2.89
CA LYS A 18 19.27 -6.34 3.70
C LYS A 18 19.00 -5.88 5.14
N ILE A 19 17.83 -6.17 5.69
CA ILE A 19 17.55 -5.88 7.09
C ILE A 19 17.45 -7.19 7.86
N SER A 20 17.57 -7.07 9.18
CA SER A 20 17.32 -8.20 10.06
C SER A 20 15.84 -8.34 10.38
N LYS A 21 15.49 -9.49 10.98
CA LYS A 21 14.13 -9.70 11.46
C LYS A 21 13.71 -8.61 12.45
N GLN A 22 14.58 -8.30 13.42
CA GLN A 22 14.19 -7.28 14.38
C GLN A 22 14.08 -5.92 13.73
N GLU A 23 14.98 -5.62 12.78
CA GLU A 23 14.88 -4.36 12.07
C GLU A 23 13.56 -4.24 11.31
N ALA A 24 13.08 -5.35 10.74
CA ALA A 24 11.76 -5.37 10.10
C ALA A 24 10.66 -5.06 11.11
N TYR A 25 10.71 -5.68 12.29
CA TYR A 25 9.73 -5.36 13.33
C TYR A 25 9.77 -3.88 13.65
N ASN A 26 10.99 -3.35 13.85
CA ASN A 26 11.14 -1.95 14.22
C ASN A 26 10.55 -1.03 13.16
N LEU A 27 10.78 -1.35 11.88
CA LEU A 27 10.19 -0.56 10.80
C LEU A 27 8.67 -0.60 10.86
N LEU A 28 8.11 -1.79 11.07
CA LEU A 28 6.66 -1.90 11.11
C LEU A 28 6.05 -1.12 12.26
N MET A 29 6.78 -0.99 13.38
CA MET A 29 6.27 -0.27 14.54
C MET A 29 6.50 1.23 14.47
N THR A 30 7.48 1.70 13.70
CA THR A 30 7.80 3.11 13.68
C THR A 30 7.34 3.76 12.37
N VAL A 31 7.81 3.27 11.24
CA VAL A 31 7.34 3.78 9.96
C VAL A 31 5.94 3.27 9.66
N GLY A 32 5.69 1.98 9.94
CA GLY A 32 4.43 1.37 9.62
C GLY A 32 3.33 1.74 10.59
N GLN A 33 2.11 1.42 10.19
CA GLN A 33 0.95 1.47 11.07
C GLN A 33 0.30 0.10 11.10
N VAL A 34 -0.77 -0.04 11.88
CA VAL A 34 -1.48 -1.31 11.86
C VAL A 34 -1.91 -1.62 10.44
N SER A 35 -1.78 -2.89 10.06
CA SER A 35 -2.09 -3.47 8.74
C SER A 35 -0.99 -3.18 7.71
N SER A 36 0.13 -2.58 8.12
CA SER A 36 1.27 -2.45 7.23
C SER A 36 1.99 -3.79 7.09
N PHE A 37 2.80 -3.90 6.04
CA PHE A 37 3.44 -5.17 5.74
C PHE A 37 4.75 -4.93 5.01
N LEU A 38 5.60 -5.95 5.01
CA LEU A 38 6.79 -5.94 4.18
C LEU A 38 7.15 -7.39 3.88
N VAL A 39 8.05 -7.58 2.92
CA VAL A 39 8.56 -8.91 2.58
C VAL A 39 10.07 -8.89 2.66
N ARG A 40 10.65 -9.93 3.25
CA ARG A 40 12.10 -10.10 3.23
C ARG A 40 12.43 -11.57 2.99
N PRO A 41 13.67 -11.88 2.60
CA PRO A 41 14.06 -13.30 2.50
C PRO A 41 14.04 -13.97 3.86
N SER A 42 13.75 -15.27 3.85
CA SER A 42 13.72 -16.04 5.10
C SER A 42 15.12 -16.25 5.65
N ASP A 43 15.27 -16.09 6.98
CA ASP A 43 16.57 -16.39 7.59
C ASP A 43 16.81 -17.88 7.67
N ASN A 44 15.78 -18.66 8.00
CA ASN A 44 15.96 -20.06 8.38
C ASN A 44 15.80 -21.03 7.21
N THR A 45 15.10 -20.64 6.15
CA THR A 45 14.89 -21.52 5.01
C THR A 45 15.38 -20.83 3.74
N PRO A 46 16.61 -21.09 3.31
CA PRO A 46 17.15 -20.42 2.12
C PRO A 46 16.24 -20.59 0.92
N GLY A 47 15.98 -19.48 0.24
CA GLY A 47 15.13 -19.49 -0.92
C GLY A 47 13.71 -19.08 -0.64
N ASP A 48 13.26 -19.19 0.60
CA ASP A 48 11.92 -18.75 0.96
C ASP A 48 11.91 -17.26 1.28
N TYR A 49 10.70 -16.70 1.34
CA TYR A 49 10.46 -15.33 1.74
C TYR A 49 9.49 -15.34 2.90
N SER A 50 9.39 -14.20 3.60
CA SER A 50 8.47 -14.06 4.70
C SER A 50 7.72 -12.76 4.51
N LEU A 51 6.39 -12.83 4.60
CA LEU A 51 5.53 -11.66 4.62
C LEU A 51 5.27 -11.31 6.08
N TYR A 52 5.71 -10.12 6.48
CA TYR A 52 5.50 -9.62 7.84
C TYR A 52 4.28 -8.71 7.84
N PHE A 53 3.39 -8.89 8.81
CA PHE A 53 2.12 -8.18 8.84
C PHE A 53 1.82 -7.71 10.26
N ARG A 54 1.48 -6.43 10.42
CA ARG A 54 1.26 -5.85 11.75
C ARG A 54 -0.23 -5.84 12.08
N THR A 55 -0.60 -6.52 13.15
CA THR A 55 -1.96 -6.43 13.69
C THR A 55 -1.96 -5.43 14.85
N ASN A 56 -3.09 -5.33 15.54
CA ASN A 56 -3.15 -4.40 16.67
C ASN A 56 -2.28 -4.88 17.83
N GLU A 57 -2.00 -6.18 17.93
CA GLU A 57 -1.29 -6.71 19.10
C GLU A 57 0.09 -7.29 18.80
N ASN A 58 0.42 -7.59 17.55
CA ASN A 58 1.66 -8.29 17.27
C ASN A 58 2.00 -8.17 15.79
N ILE A 59 3.13 -8.76 15.42
CA ILE A 59 3.53 -8.88 14.03
C ILE A 59 3.57 -10.36 13.69
N GLN A 60 2.85 -10.73 12.65
CA GLN A 60 2.75 -12.11 12.22
C GLN A 60 3.58 -12.29 10.95
N ARG A 61 4.16 -13.48 10.81
CA ARG A 61 4.99 -13.81 9.64
C ARG A 61 4.36 -14.97 8.89
N PHE A 62 4.26 -14.84 7.57
CA PHE A 62 3.71 -15.88 6.71
C PHE A 62 4.76 -16.33 5.71
N LYS A 63 4.94 -17.64 5.60
CA LYS A 63 5.96 -18.19 4.72
C LYS A 63 5.52 -18.13 3.27
N ILE A 64 6.44 -17.72 2.40
CA ILE A 64 6.24 -17.73 0.96
C ILE A 64 7.34 -18.61 0.37
N SER A 65 6.95 -19.69 -0.29
N SER A 65 6.96 -19.68 -0.31
CA SER A 65 7.92 -20.66 -0.81
CA SER A 65 7.95 -20.65 -0.80
C SER A 65 7.90 -20.64 -2.32
C SER A 65 7.95 -20.74 -2.31
N PRO A 66 8.99 -20.25 -2.98
CA PRO A 66 9.02 -20.29 -4.45
C PRO A 66 9.17 -21.72 -4.98
N THR A 67 8.73 -21.90 -6.23
CA THR A 67 8.85 -23.17 -6.94
C THR A 67 9.98 -23.09 -7.96
N PRO A 68 10.44 -24.25 -8.47
CA PRO A 68 11.45 -24.22 -9.54
C PRO A 68 11.00 -23.49 -10.79
N ASN A 69 9.70 -23.34 -11.00
CA ASN A 69 9.22 -22.59 -12.16
C ASN A 69 8.81 -21.17 -11.78
N ASN A 70 9.34 -20.64 -10.67
CA ASN A 70 9.21 -19.22 -10.31
C ASN A 70 7.76 -18.82 -10.05
N GLN A 71 7.00 -19.70 -9.42
CA GLN A 71 5.75 -19.33 -8.77
C GLN A 71 5.98 -19.36 -7.27
N PHE A 72 4.92 -19.04 -6.50
CA PHE A 72 5.10 -18.84 -5.06
C PHE A 72 3.95 -19.45 -4.30
N MET A 73 4.26 -20.29 -3.31
N MET A 73 4.26 -20.30 -3.32
CA MET A 73 3.26 -20.94 -2.48
CA MET A 73 3.23 -20.90 -2.47
C MET A 73 3.10 -20.14 -1.18
C MET A 73 3.09 -20.08 -1.20
N MET A 74 1.86 -19.84 -0.84
N MET A 74 1.84 -19.74 -0.86
CA MET A 74 1.58 -19.11 0.39
CA MET A 74 1.56 -19.07 0.40
C MET A 74 0.18 -19.49 0.86
C MET A 74 0.17 -19.48 0.86
N GLY A 75 0.07 -19.87 2.13
CA GLY A 75 -1.23 -20.25 2.67
C GLY A 75 -1.86 -21.43 1.97
N GLY A 76 -1.04 -22.34 1.45
CA GLY A 76 -1.52 -23.55 0.81
C GLY A 76 -1.89 -23.42 -0.65
N ARG A 77 -1.65 -22.26 -1.26
CA ARG A 77 -2.09 -21.94 -2.61
C ARG A 77 -0.91 -21.38 -3.38
N TYR A 78 -0.84 -21.71 -4.68
CA TYR A 78 0.19 -21.16 -5.55
C TYR A 78 -0.27 -19.89 -6.24
N TYR A 79 0.67 -18.95 -6.40
CA TYR A 79 0.45 -17.65 -7.02
C TYR A 79 1.58 -17.41 -8.01
N ASN A 80 1.31 -16.60 -9.03
CA ASN A 80 2.31 -16.34 -10.05
C ASN A 80 3.44 -15.44 -9.55
N SER A 81 3.18 -14.60 -8.55
CA SER A 81 4.17 -13.64 -8.07
C SER A 81 3.83 -13.27 -6.64
N ILE A 82 4.82 -12.71 -5.96
CA ILE A 82 4.54 -12.17 -4.63
C ILE A 82 3.59 -10.99 -4.73
N GLY A 83 3.72 -10.18 -5.80
CA GLY A 83 2.77 -9.10 -6.00
C GLY A 83 1.34 -9.58 -6.06
N ASP A 84 1.11 -10.77 -6.63
CA ASP A 84 -0.25 -11.33 -6.67
C ASP A 84 -0.73 -11.77 -5.30
N ILE A 85 0.17 -12.26 -4.44
CA ILE A 85 -0.20 -12.55 -3.05
C ILE A 85 -0.67 -11.28 -2.37
N ILE A 86 0.08 -10.20 -2.55
N ILE A 86 0.06 -10.19 -2.56
CA ILE A 86 -0.22 -8.93 -1.91
CA ILE A 86 -0.29 -8.93 -1.92
C ILE A 86 -1.58 -8.40 -2.38
C ILE A 86 -1.62 -8.41 -2.44
N ASP A 87 -1.82 -8.45 -3.70
N ASP A 87 -1.82 -8.45 -3.77
CA ASP A 87 -3.12 -8.05 -4.23
CA ASP A 87 -3.11 -8.07 -4.34
C ASP A 87 -4.24 -8.86 -3.64
C ASP A 87 -4.25 -8.87 -3.73
N HIS A 88 -4.04 -10.18 -3.55
CA HIS A 88 -5.07 -11.07 -3.02
C HIS A 88 -5.47 -10.65 -1.61
N TYR A 89 -4.49 -10.39 -0.75
CA TYR A 89 -4.80 -10.14 0.65
C TYR A 89 -5.03 -8.67 0.96
N ARG A 90 -5.00 -7.80 -0.06
CA ARG A 90 -5.61 -6.49 0.05
C ARG A 90 -7.12 -6.53 -0.13
N LYS A 91 -7.63 -7.61 -0.74
CA LYS A 91 -9.03 -7.75 -1.10
C LYS A 91 -9.74 -8.88 -0.36
N GLU A 92 -8.99 -9.80 0.23
CA GLU A 92 -9.53 -10.85 1.07
C GLU A 92 -8.70 -10.86 2.36
N GLN A 93 -9.34 -11.18 3.48
CA GLN A 93 -8.68 -11.00 4.76
C GLN A 93 -7.53 -11.99 4.95
N ILE A 94 -6.43 -11.51 5.53
CA ILE A 94 -5.27 -12.37 5.76
C ILE A 94 -5.33 -13.00 7.15
N VAL A 95 -5.87 -12.26 8.12
N VAL A 95 -5.85 -12.27 8.14
CA VAL A 95 -6.21 -12.71 9.46
CA VAL A 95 -6.26 -12.84 9.42
C VAL A 95 -7.64 -12.21 9.72
C VAL A 95 -7.61 -12.23 9.73
N GLU A 96 -8.36 -12.89 10.61
CA GLU A 96 -9.74 -12.48 10.86
C GLU A 96 -9.79 -11.01 11.23
N GLY A 97 -10.51 -10.22 10.42
CA GLY A 97 -10.67 -8.81 10.67
C GLY A 97 -9.63 -7.91 10.02
N TYR A 98 -8.67 -8.47 9.28
CA TYR A 98 -7.55 -7.69 8.77
C TYR A 98 -7.31 -7.92 7.29
N TYR A 99 -7.01 -6.83 6.58
CA TYR A 99 -6.47 -6.90 5.23
C TYR A 99 -5.07 -6.29 5.25
N LEU A 100 -4.27 -6.64 4.24
CA LEU A 100 -3.07 -5.88 3.97
C LEU A 100 -3.45 -4.47 3.56
N LYS A 101 -2.78 -3.47 4.12
CA LYS A 101 -3.00 -2.12 3.62
C LYS A 101 -1.74 -1.50 3.00
N GLU A 102 -0.81 -0.98 3.84
CA GLU A 102 0.28 -0.19 3.26
C GLU A 102 1.60 -0.94 3.36
N PRO A 103 2.46 -0.85 2.34
CA PRO A 103 3.81 -1.37 2.49
C PRO A 103 4.61 -0.46 3.41
N VAL A 104 5.62 -1.03 4.06
CA VAL A 104 6.73 -0.26 4.61
C VAL A 104 7.79 -0.16 3.52
N PRO A 105 8.02 1.02 2.93
CA PRO A 105 9.04 1.13 1.88
C PRO A 105 10.45 1.02 2.44
N MET A 106 11.36 0.53 1.61
CA MET A 106 12.77 0.61 1.94
C MET A 106 13.12 2.06 2.22
N GLN A 107 13.83 2.30 3.33
CA GLN A 107 14.08 3.66 3.80
C GLN A 107 15.33 4.30 3.20
N GLU B 6 -2.00 15.33 15.83
CA GLU B 6 -2.35 15.48 14.42
C GLU B 6 -3.62 14.69 14.07
N ASP B 7 -4.21 15.06 12.94
CA ASP B 7 -5.30 14.29 12.37
C ASP B 7 -4.75 12.97 11.82
N PRO B 8 -5.56 11.91 11.82
CA PRO B 8 -5.05 10.58 11.41
C PRO B 8 -4.36 10.52 10.06
N HIS B 9 -4.73 11.38 9.10
CA HIS B 9 -4.16 11.24 7.77
C HIS B 9 -2.84 11.96 7.59
N GLU B 10 -2.47 12.84 8.52
CA GLU B 10 -1.22 13.58 8.38
C GLU B 10 -0.01 12.65 8.41
N GLY B 11 -0.07 11.57 9.17
CA GLY B 11 1.00 10.60 9.36
C GLY B 11 0.99 9.44 8.39
N LYS B 12 -0.01 9.36 7.53
CA LYS B 12 -0.13 8.27 6.57
C LYS B 12 0.87 8.36 5.43
N ILE B 13 1.37 7.19 5.01
CA ILE B 13 2.43 7.09 4.00
C ILE B 13 2.02 7.78 2.69
N TRP B 14 0.75 7.74 2.34
CA TRP B 14 0.28 8.27 1.06
C TRP B 14 -0.03 9.76 1.11
N PHE B 15 0.17 10.44 2.25
CA PHE B 15 -0.20 11.83 2.36
C PHE B 15 1.03 12.72 2.17
N HIS B 16 0.92 13.69 1.26
CA HIS B 16 1.99 14.63 0.94
C HIS B 16 1.49 16.04 1.24
N GLY B 17 1.95 16.61 2.35
CA GLY B 17 1.43 17.91 2.74
C GLY B 17 2.09 19.09 2.09
N LYS B 18 3.22 18.91 1.40
CA LYS B 18 4.03 20.06 0.99
C LYS B 18 4.58 19.90 -0.44
N ILE B 19 3.85 19.24 -1.33
CA ILE B 19 4.23 19.15 -2.74
C ILE B 19 3.28 19.96 -3.60
N SER B 20 3.71 20.24 -4.83
CA SER B 20 2.86 20.87 -5.82
C SER B 20 2.08 19.83 -6.61
N LYS B 21 1.06 20.31 -7.33
CA LYS B 21 0.30 19.47 -8.24
C LYS B 21 1.19 18.82 -9.28
N GLN B 22 2.16 19.57 -9.81
CA GLN B 22 3.07 19.04 -10.81
C GLN B 22 4.00 17.99 -10.21
N GLU B 23 4.47 18.24 -8.98
CA GLU B 23 5.29 17.24 -8.31
C GLU B 23 4.50 15.96 -8.04
N ALA B 24 3.21 16.08 -7.74
CA ALA B 24 2.38 14.89 -7.59
C ALA B 24 2.36 14.08 -8.88
N TYR B 25 2.14 14.75 -10.01
CA TYR B 25 2.15 14.07 -11.30
C TYR B 25 3.48 13.36 -11.54
N ASN B 26 4.59 14.08 -11.36
CA ASN B 26 5.91 13.48 -11.61
C ASN B 26 6.17 12.31 -10.66
N LEU B 27 5.78 12.44 -9.38
CA LEU B 27 5.97 11.34 -8.43
C LEU B 27 5.24 10.08 -8.89
N LEU B 28 3.98 10.24 -9.33
CA LEU B 28 3.23 9.07 -9.78
C LEU B 28 3.87 8.43 -11.00
N MET B 29 4.52 9.23 -11.84
CA MET B 29 5.16 8.70 -13.03
C MET B 29 6.56 8.17 -12.78
N THR B 30 7.21 8.54 -11.68
CA THR B 30 8.58 8.10 -11.40
C THR B 30 8.64 7.09 -10.25
N VAL B 31 8.20 7.49 -9.05
CA VAL B 31 8.16 6.56 -7.93
C VAL B 31 7.01 5.58 -8.13
N GLY B 32 5.87 6.08 -8.56
CA GLY B 32 4.69 5.26 -8.68
C GLY B 32 4.73 4.33 -9.87
N GLN B 33 3.79 3.39 -9.84
CA GLN B 33 3.48 2.50 -10.94
C GLN B 33 2.00 2.70 -11.29
N VAL B 34 1.54 1.99 -12.30
CA VAL B 34 0.11 2.04 -12.59
C VAL B 34 -0.65 1.60 -11.35
N SER B 35 -1.75 2.29 -11.06
CA SER B 35 -2.63 2.10 -9.90
C SER B 35 -2.04 2.66 -8.61
N SER B 36 -0.91 3.36 -8.67
CA SER B 36 -0.40 4.06 -7.50
C SER B 36 -1.22 5.32 -7.24
N PHE B 37 -1.10 5.85 -6.03
CA PHE B 37 -1.93 6.97 -5.62
C PHE B 37 -1.25 7.77 -4.53
N LEU B 38 -1.72 9.01 -4.34
CA LEU B 38 -1.31 9.82 -3.19
C LEU B 38 -2.42 10.83 -2.92
N VAL B 39 -2.36 11.45 -1.73
CA VAL B 39 -3.30 12.50 -1.33
C VAL B 39 -2.52 13.74 -0.96
N ARG B 40 -3.00 14.90 -1.39
CA ARG B 40 -2.44 16.18 -0.96
C ARG B 40 -3.55 17.18 -0.70
N PRO B 41 -3.28 18.26 0.03
CA PRO B 41 -4.28 19.32 0.18
C PRO B 41 -4.62 19.97 -1.16
N SER B 42 -5.87 20.42 -1.29
CA SER B 42 -6.32 21.08 -2.52
C SER B 42 -5.74 22.48 -2.64
N ASP B 43 -5.27 22.80 -3.85
CA ASP B 43 -4.83 24.16 -4.17
C ASP B 43 -6.00 25.11 -4.36
N ASN B 44 -7.06 24.66 -5.03
CA ASN B 44 -8.08 25.57 -5.49
C ASN B 44 -9.22 25.76 -4.51
N THR B 45 -9.44 24.80 -3.61
CA THR B 45 -10.45 24.91 -2.57
C THR B 45 -9.76 24.66 -1.24
N PRO B 46 -9.28 25.71 -0.58
CA PRO B 46 -8.58 25.53 0.70
C PRO B 46 -9.46 24.78 1.68
N GLY B 47 -8.87 23.78 2.32
CA GLY B 47 -9.58 22.93 3.25
C GLY B 47 -9.98 21.59 2.67
N ASP B 48 -10.05 21.48 1.34
CA ASP B 48 -10.31 20.23 0.65
C ASP B 48 -9.00 19.47 0.45
N TYR B 49 -9.14 18.21 0.03
CA TYR B 49 -8.02 17.34 -0.30
C TYR B 49 -8.21 16.80 -1.70
N SER B 50 -7.15 16.22 -2.25
CA SER B 50 -7.17 15.68 -3.61
C SER B 50 -6.51 14.31 -3.60
N LEU B 51 -7.20 13.31 -4.15
CA LEU B 51 -6.67 11.98 -4.36
C LEU B 51 -6.20 11.87 -5.81
N TYR B 52 -4.91 11.62 -6.02
CA TYR B 52 -4.35 11.43 -7.35
C TYR B 52 -4.17 9.96 -7.63
N PHE B 53 -4.55 9.53 -8.83
CA PHE B 53 -4.55 8.12 -9.18
C PHE B 53 -4.01 7.93 -10.59
N ARG B 54 -3.09 6.97 -10.77
CA ARG B 54 -2.47 6.71 -12.06
C ARG B 54 -3.10 5.49 -12.75
N THR B 55 -3.69 5.71 -13.91
CA THR B 55 -4.14 4.62 -14.77
C THR B 55 -3.06 4.34 -15.81
N ASN B 56 -3.35 3.43 -16.74
CA ASN B 56 -2.36 3.16 -17.78
C ASN B 56 -2.19 4.33 -18.71
N GLU B 57 -3.17 5.23 -18.80
CA GLU B 57 -3.17 6.27 -19.80
C GLU B 57 -3.00 7.68 -19.22
N ASN B 58 -3.26 7.88 -17.94
CA ASN B 58 -3.26 9.26 -17.45
C ASN B 58 -3.24 9.28 -15.93
N ILE B 59 -3.21 10.48 -15.39
N ILE B 59 -3.21 10.50 -15.40
CA ILE B 59 -3.34 10.70 -13.95
CA ILE B 59 -3.33 10.80 -13.98
C ILE B 59 -4.63 11.46 -13.71
C ILE B 59 -4.68 11.45 -13.78
N GLN B 60 -5.45 10.95 -12.80
CA GLN B 60 -6.74 11.52 -12.46
C GLN B 60 -6.73 12.03 -11.03
N ARG B 61 -7.46 13.11 -10.80
CA ARG B 61 -7.58 13.71 -9.48
C ARG B 61 -9.04 13.67 -9.04
N PHE B 62 -9.27 13.26 -7.79
CA PHE B 62 -10.60 13.19 -7.21
C PHE B 62 -10.67 14.13 -6.01
N LYS B 63 -11.71 14.97 -5.97
CA LYS B 63 -11.86 15.93 -4.89
C LYS B 63 -12.41 15.25 -3.63
N ILE B 64 -11.81 15.57 -2.49
CA ILE B 64 -12.25 15.10 -1.18
C ILE B 64 -12.63 16.33 -0.37
N SER B 65 -13.89 16.38 0.08
N SER B 65 -13.88 16.39 0.09
CA SER B 65 -14.41 17.54 0.79
CA SER B 65 -14.37 17.58 0.78
C SER B 65 -14.77 17.12 2.21
C SER B 65 -14.82 17.21 2.18
N PRO B 66 -14.18 17.72 3.23
CA PRO B 66 -14.60 17.38 4.59
C PRO B 66 -16.00 17.92 4.85
N THR B 67 -16.72 17.22 5.73
CA THR B 67 -18.05 17.63 6.14
C THR B 67 -18.02 18.26 7.53
N PRO B 68 -19.03 19.06 7.87
CA PRO B 68 -19.03 19.69 9.21
C PRO B 68 -19.06 18.71 10.36
N ASN B 69 -19.56 17.49 10.16
CA ASN B 69 -19.62 16.51 11.22
C ASN B 69 -18.43 15.55 11.19
N ASN B 70 -17.29 16.03 10.72
CA ASN B 70 -16.00 15.33 10.81
C ASN B 70 -15.95 14.07 9.96
N GLN B 71 -16.63 14.08 8.82
CA GLN B 71 -16.45 13.04 7.81
C GLN B 71 -15.88 13.67 6.54
N PHE B 72 -15.78 12.85 5.49
CA PHE B 72 -15.16 13.26 4.23
C PHE B 72 -16.03 12.77 3.09
N MET B 73 -16.31 13.64 2.13
N MET B 73 -16.31 13.64 2.13
CA MET B 73 -17.11 13.29 0.97
CA MET B 73 -17.11 13.30 0.96
C MET B 73 -16.17 13.16 -0.23
C MET B 73 -16.23 13.19 -0.27
N MET B 74 -16.34 12.08 -0.99
N MET B 74 -16.45 12.16 -1.07
CA MET B 74 -15.72 11.96 -2.31
CA MET B 74 -15.72 11.95 -2.31
C MET B 74 -16.67 11.20 -3.22
C MET B 74 -16.60 11.16 -3.25
N GLY B 75 -16.94 11.76 -4.39
CA GLY B 75 -17.80 11.07 -5.36
C GLY B 75 -19.17 10.76 -4.85
N GLY B 76 -19.74 11.60 -3.99
CA GLY B 76 -21.08 11.35 -3.52
C GLY B 76 -21.17 10.37 -2.37
N ARG B 77 -20.06 9.81 -1.93
N ARG B 77 -20.05 9.82 -1.92
CA ARG B 77 -20.02 8.91 -0.78
CA ARG B 77 -20.01 8.93 -0.78
C ARG B 77 -19.28 9.59 0.37
C ARG B 77 -19.28 9.59 0.37
N TYR B 78 -19.60 9.14 1.58
CA TYR B 78 -19.08 9.72 2.81
C TYR B 78 -18.24 8.71 3.56
N TYR B 79 -17.18 9.19 4.21
CA TYR B 79 -16.20 8.35 4.86
C TYR B 79 -15.80 8.95 6.20
N ASN B 80 -15.46 8.09 7.15
CA ASN B 80 -15.09 8.61 8.47
C ASN B 80 -13.71 9.26 8.42
N SER B 81 -12.86 8.83 7.50
CA SER B 81 -11.49 9.30 7.42
C SER B 81 -11.04 9.15 5.98
N ILE B 82 -9.96 9.86 5.63
CA ILE B 82 -9.41 9.71 4.29
C ILE B 82 -8.89 8.29 4.11
N GLY B 83 -8.35 7.71 5.18
CA GLY B 83 -7.92 6.32 5.15
C GLY B 83 -9.03 5.37 4.76
N ASP B 84 -10.28 5.67 5.15
CA ASP B 84 -11.39 4.82 4.76
C ASP B 84 -11.68 4.89 3.27
N ILE B 85 -11.39 6.03 2.63
CA ILE B 85 -11.50 6.10 1.17
C ILE B 85 -10.53 5.13 0.54
N ILE B 86 -9.28 5.16 1.01
CA ILE B 86 -8.24 4.28 0.47
C ILE B 86 -8.65 2.83 0.64
N ASP B 87 -9.13 2.46 1.85
CA ASP B 87 -9.53 1.10 2.12
C ASP B 87 -10.66 0.67 1.18
N HIS B 88 -11.60 1.57 0.93
CA HIS B 88 -12.73 1.24 0.08
C HIS B 88 -12.28 0.95 -1.35
N TYR B 89 -11.40 1.78 -1.90
CA TYR B 89 -11.03 1.63 -3.29
C TYR B 89 -9.83 0.73 -3.48
N ARG B 90 -9.31 0.13 -2.41
CA ARG B 90 -8.49 -1.04 -2.61
C ARG B 90 -9.31 -2.30 -2.91
N LYS B 91 -10.60 -2.29 -2.57
CA LYS B 91 -11.44 -3.46 -2.74
C LYS B 91 -12.58 -3.26 -3.72
N GLU B 92 -12.88 -2.02 -4.09
CA GLU B 92 -13.87 -1.69 -5.09
C GLU B 92 -13.20 -0.79 -6.11
N GLN B 93 -13.58 -0.92 -7.38
CA GLN B 93 -12.85 -0.21 -8.42
C GLN B 93 -13.09 1.29 -8.33
N ILE B 94 -12.01 2.06 -8.49
CA ILE B 94 -12.10 3.51 -8.44
C ILE B 94 -12.30 4.08 -9.84
N VAL B 95 -11.77 3.42 -10.85
CA VAL B 95 -12.01 3.71 -12.26
C VAL B 95 -12.28 2.35 -12.87
N GLU B 96 -13.09 2.31 -13.94
CA GLU B 96 -13.36 1.03 -14.58
C GLU B 96 -12.05 0.29 -14.86
N GLY B 97 -11.91 -0.88 -14.24
CA GLY B 97 -10.75 -1.73 -14.42
C GLY B 97 -9.63 -1.53 -13.43
N TYR B 98 -9.76 -0.62 -12.46
CA TYR B 98 -8.64 -0.25 -11.59
C TYR B 98 -9.02 -0.24 -10.12
N TYR B 99 -8.10 -0.73 -9.29
CA TYR B 99 -8.15 -0.54 -7.84
C TYR B 99 -6.96 0.31 -7.40
N LEU B 100 -7.05 0.90 -6.22
CA LEU B 100 -5.85 1.47 -5.62
C LEU B 100 -4.88 0.35 -5.25
N LYS B 101 -3.61 0.47 -5.66
CA LYS B 101 -2.65 -0.54 -5.22
C LYS B 101 -1.58 0.01 -4.29
N GLU B 102 -0.53 0.65 -4.83
CA GLU B 102 0.54 1.05 -3.92
C GLU B 102 0.49 2.55 -3.69
N PRO B 103 0.73 3.01 -2.48
CA PRO B 103 0.91 4.45 -2.26
C PRO B 103 2.22 4.90 -2.89
N VAL B 104 2.26 6.19 -3.22
CA VAL B 104 3.53 6.90 -3.40
C VAL B 104 3.93 7.43 -2.03
N PRO B 105 5.01 6.93 -1.43
CA PRO B 105 5.36 7.40 -0.09
C PRO B 105 5.81 8.84 -0.14
N MET B 106 5.48 9.57 0.92
CA MET B 106 6.03 10.91 1.08
C MET B 106 7.55 10.86 1.03
N GLN B 107 8.13 11.72 0.19
CA GLN B 107 9.57 11.70 -0.03
C GLN B 107 10.26 12.52 1.06
S SO4 C . 12.19 -16.78 8.87
O1 SO4 C . 11.62 -16.93 10.21
O2 SO4 C . 11.14 -16.97 7.87
O3 SO4 C . 12.78 -15.45 8.72
O4 SO4 C . 13.21 -17.80 8.68
C1 EDO D . 3.49 -8.22 -9.81
O1 EDO D . 2.83 -9.33 -10.43
C2 EDO D . 4.84 -8.04 -10.47
O2 EDO D . 5.65 -9.18 -10.19
C1 EDO E . -2.90 -16.24 5.25
O1 EDO E . -4.28 -16.15 5.65
C2 EDO E . -2.62 -17.67 4.78
O2 EDO E . -2.33 -18.50 5.90
C1 EDO F . 16.52 -1.96 3.58
O1 EDO F . 15.35 -1.67 4.37
C2 EDO F . 16.61 -3.45 3.31
O2 EDO F . 17.35 -3.69 2.12
S SO4 G . -7.10 21.06 -6.51
O1 SO4 G . -7.95 20.09 -5.83
O2 SO4 G . -7.31 20.94 -7.95
O3 SO4 G . -7.47 22.39 -6.06
O4 SO4 G . -5.69 20.81 -6.23
C1 EDO H . 5.99 2.21 -15.28
O1 EDO H . 5.92 3.35 -14.43
C2 EDO H . 6.71 1.09 -14.55
O2 EDO H . 6.00 0.81 -13.34
C1 EDO I . -9.48 12.26 9.76
O1 EDO I . -10.04 11.05 10.27
C2 EDO I . -8.23 11.90 8.98
O2 EDO I . -8.56 11.37 7.70
C1 EDO J . -14.85 -1.70 3.68
O1 EDO J . -13.59 -2.01 4.26
C2 EDO J . -14.64 -0.67 2.58
O2 EDO J . -15.90 -0.36 1.96
#